data_5Y49
#
_entry.id   5Y49
#
_cell.length_a   73.805
_cell.length_b   34.853
_cell.length_c   117.305
_cell.angle_alpha   90.000
_cell.angle_beta   98.210
_cell.angle_gamma   90.000
#
_symmetry.space_group_name_H-M   'P 1 2 1'
#
loop_
_entity.id
_entity.type
_entity.pdbx_description
1 polymer 'Bile acid receptor'
2 polymer 'Peptide from Nuclear receptor coactivator 2'
3 non-polymer '[(1R,2S,4S)-2-bicyclo[2.2.1]heptanyl] 4-azanylbenzoate'
4 water water
#
loop_
_entity_poly.entity_id
_entity_poly.type
_entity_poly.pdbx_seq_one_letter_code
_entity_poly.pdbx_strand_id
1 'polypeptide(L)'
;LTPDQQTLLHFIMDSYNKQRMPQEITNKILKEEFSAEENFLILTEMATNHVQVLVEFTKKLPGFQTLDHEDQIALLKGSA
VEAMFLRSAEIFNKKLPSGHSDLLEERIRNSGISDEYITPMFSFYKSIGELKMTQEEYALLTAIVILSPDRQYIKDREAV
EKLQEPLLDVLQKLCKIHQPENPQHFACLLGRLTELRTFNHHHAEMLMSWRVNDHKFTPLLCEIWDV
;
A,B
2 'polypeptide(L)' ENLLLRYLLDK D,E
#
# COMPACT_ATOMS: atom_id res chain seq x y z
N LEU A 1 -0.40 -13.53 -16.98
CA LEU A 1 0.98 -13.81 -17.53
C LEU A 1 0.87 -14.27 -19.00
N THR A 2 0.32 -13.39 -19.85
CA THR A 2 -0.05 -13.68 -21.25
C THR A 2 1.19 -14.13 -22.03
N PRO A 3 1.00 -14.91 -23.12
CA PRO A 3 2.08 -15.05 -24.10
C PRO A 3 2.59 -13.69 -24.58
N ASP A 4 1.75 -12.90 -25.25
CA ASP A 4 2.10 -11.56 -25.73
C ASP A 4 2.72 -10.62 -24.64
N GLN A 5 2.27 -10.74 -23.40
CA GLN A 5 2.86 -10.01 -22.31
C GLN A 5 4.22 -10.58 -21.87
N GLN A 6 4.42 -11.88 -22.02
CA GLN A 6 5.70 -12.51 -21.71
C GLN A 6 6.71 -12.13 -22.83
N THR A 7 6.22 -12.02 -24.07
CA THR A 7 7.05 -11.62 -25.23
C THR A 7 7.58 -10.20 -25.10
N LEU A 8 6.70 -9.31 -24.64
CA LEU A 8 7.02 -7.93 -24.35
C LEU A 8 8.05 -7.79 -23.21
N LEU A 9 7.86 -8.57 -22.15
CA LEU A 9 8.72 -8.46 -21.01
C LEU A 9 10.11 -8.94 -21.36
N HIS A 10 10.22 -9.95 -22.22
CA HIS A 10 11.55 -10.44 -22.65
C HIS A 10 12.25 -9.43 -23.56
N PHE A 11 11.45 -8.73 -24.35
CA PHE A 11 11.96 -7.69 -25.23
C PHE A 11 12.56 -6.53 -24.43
N ILE A 12 11.93 -6.21 -23.29
CA ILE A 12 12.31 -5.06 -22.48
C ILE A 12 13.57 -5.38 -21.70
N MET A 13 13.58 -6.55 -21.08
CA MET A 13 14.76 -7.13 -20.41
C MET A 13 15.94 -7.40 -21.33
N ASP A 14 15.68 -7.78 -22.59
CA ASP A 14 16.79 -7.87 -23.54
C ASP A 14 17.45 -6.51 -23.73
N SER A 15 16.63 -5.47 -23.85
CA SER A 15 17.15 -4.14 -24.03
C SER A 15 17.75 -3.55 -22.74
N TYR A 16 17.13 -3.79 -21.60
CA TYR A 16 17.62 -3.24 -20.34
C TYR A 16 19.01 -3.76 -19.93
N ASN A 17 19.26 -5.03 -20.22
CA ASN A 17 20.51 -5.68 -19.80
C ASN A 17 21.72 -5.45 -20.71
N LYS A 18 21.51 -4.91 -21.91
CA LYS A 18 22.62 -4.42 -22.74
C LYS A 18 23.32 -3.19 -22.12
N GLN A 19 22.58 -2.44 -21.31
CA GLN A 19 23.04 -1.20 -20.69
C GLN A 19 24.00 -1.48 -19.51
N ARG A 20 25.30 -1.24 -19.72
CA ARG A 20 26.35 -1.42 -18.69
C ARG A 20 27.19 -0.13 -18.40
N MET A 21 27.81 -0.08 -17.22
CA MET A 21 28.59 1.07 -16.72
C MET A 21 30.07 0.82 -16.97
N PRO A 22 30.72 1.56 -17.92
CA PRO A 22 32.09 1.22 -18.27
C PRO A 22 33.02 1.17 -17.05
N GLN A 23 34.01 0.28 -17.16
CA GLN A 23 34.98 0.00 -16.15
C GLN A 23 35.84 1.20 -15.86
N GLU A 24 36.17 1.93 -16.93
CA GLU A 24 36.89 3.20 -16.81
C GLU A 24 36.24 4.22 -15.89
N ILE A 25 34.89 4.25 -15.81
CA ILE A 25 34.21 5.18 -14.88
C ILE A 25 34.36 4.65 -13.47
N THR A 26 33.93 3.41 -13.29
CA THR A 26 34.15 2.67 -12.06
C THR A 26 35.58 2.86 -11.53
N ASN A 27 36.57 2.72 -12.39
CA ASN A 27 37.95 2.80 -11.92
C ASN A 27 38.26 4.20 -11.44
N LYS A 28 37.79 5.20 -12.17
CA LYS A 28 37.94 6.61 -11.76
C LYS A 28 37.31 6.87 -10.40
N ILE A 29 36.09 6.38 -10.19
CA ILE A 29 35.45 6.50 -8.89
C ILE A 29 36.36 6.02 -7.75
N LEU A 30 37.10 4.96 -7.98
CA LEU A 30 37.91 4.35 -6.94
C LEU A 30 39.37 4.84 -6.88
N LYS A 31 39.94 5.24 -8.00
CA LYS A 31 41.36 5.61 -8.05
C LYS A 31 41.64 7.11 -8.12
N GLU A 32 40.78 7.88 -8.75
CA GLU A 32 41.15 9.27 -9.04
C GLU A 32 41.30 10.16 -7.80
N GLU A 33 42.10 11.21 -7.95
CA GLU A 33 42.24 12.23 -6.92
C GLU A 33 40.87 12.62 -6.43
N PHE A 34 40.76 12.98 -5.15
CA PHE A 34 39.49 13.41 -4.57
C PHE A 34 39.47 14.93 -4.35
N SER A 35 38.92 15.66 -5.29
CA SER A 35 38.68 17.09 -5.15
C SER A 35 37.32 17.41 -5.75
N ALA A 36 36.83 18.60 -5.47
CA ALA A 36 35.54 19.04 -5.95
C ALA A 36 35.52 19.10 -7.45
N GLU A 37 36.56 19.66 -8.04
CA GLU A 37 36.77 19.66 -9.49
C GLU A 37 36.76 18.26 -10.06
N GLU A 38 37.49 17.36 -9.44
CA GLU A 38 37.64 16.04 -10.02
C GLU A 38 36.39 15.19 -9.76
N ASN A 39 35.81 15.33 -8.57
CA ASN A 39 34.50 14.71 -8.34
C ASN A 39 33.45 15.12 -9.37
N PHE A 40 33.44 16.39 -9.76
CA PHE A 40 32.52 16.91 -10.73
C PHE A 40 32.79 16.41 -12.16
N LEU A 41 34.04 16.28 -12.55
CA LEU A 41 34.37 15.63 -13.79
C LEU A 41 33.81 14.18 -13.78
N ILE A 42 34.03 13.43 -12.72
CA ILE A 42 33.52 12.07 -12.62
C ILE A 42 31.98 12.02 -12.78
N LEU A 43 31.28 12.89 -12.09
CA LEU A 43 29.82 12.99 -12.24
C LEU A 43 29.36 13.34 -13.67
N THR A 44 30.09 14.22 -14.32
CA THR A 44 29.85 14.59 -15.71
C THR A 44 29.99 13.36 -16.62
N GLU A 45 30.98 12.53 -16.36
CA GLU A 45 31.16 11.31 -17.15
C GLU A 45 30.05 10.33 -16.90
N MET A 46 29.71 10.10 -15.67
CA MET A 46 28.58 9.26 -15.35
C MET A 46 27.30 9.69 -16.00
N ALA A 47 27.00 10.97 -15.95
CA ALA A 47 25.76 11.51 -16.47
C ALA A 47 25.75 11.36 -17.99
N THR A 48 26.87 11.68 -18.64
CA THR A 48 27.06 11.45 -20.08
C THR A 48 26.82 9.98 -20.45
N ASN A 49 27.30 9.08 -19.61
CA ASN A 49 27.10 7.67 -19.80
C ASN A 49 25.65 7.24 -19.66
N HIS A 50 24.97 7.75 -18.63
CA HIS A 50 23.54 7.52 -18.38
C HIS A 50 22.65 7.90 -19.57
N VAL A 51 22.97 9.00 -20.22
CA VAL A 51 22.20 9.48 -21.30
C VAL A 51 22.42 8.60 -22.53
N GLN A 52 23.64 8.14 -22.73
CA GLN A 52 23.89 7.20 -23.86
C GLN A 52 23.15 5.91 -23.72
N VAL A 53 23.12 5.38 -22.50
CA VAL A 53 22.44 4.15 -22.32
C VAL A 53 20.96 4.43 -22.45
N LEU A 54 20.48 5.55 -21.92
CA LEU A 54 19.07 5.93 -22.05
C LEU A 54 18.61 5.98 -23.52
N VAL A 55 19.42 6.59 -24.35
CA VAL A 55 19.12 6.67 -25.76
C VAL A 55 19.02 5.26 -26.39
N GLU A 56 20.03 4.43 -26.17
CA GLU A 56 20.04 3.02 -26.55
C GLU A 56 18.79 2.26 -26.14
N PHE A 57 18.44 2.33 -24.86
CA PHE A 57 17.32 1.63 -24.34
C PHE A 57 16.09 2.17 -25.03
N THR A 58 16.02 3.49 -25.17
CA THR A 58 14.79 4.12 -25.67
C THR A 58 14.50 3.76 -27.09
N LYS A 59 15.50 3.85 -27.95
CA LYS A 59 15.29 3.56 -29.37
C LYS A 59 14.81 2.11 -29.63
N LYS A 60 15.13 1.16 -28.72
CA LYS A 60 14.66 -0.23 -28.79
C LYS A 60 13.27 -0.46 -28.15
N LEU A 61 12.64 0.57 -27.65
CA LEU A 61 11.36 0.37 -27.00
C LEU A 61 10.29 0.06 -28.07
N PRO A 62 9.40 -0.96 -27.81
CA PRO A 62 8.36 -1.42 -28.79
C PRO A 62 7.51 -0.27 -29.22
N GLY A 63 7.46 -0.01 -30.52
CA GLY A 63 6.66 1.09 -31.03
C GLY A 63 7.36 2.41 -31.12
N PHE A 64 8.48 2.58 -30.41
CA PHE A 64 9.23 3.83 -30.45
C PHE A 64 9.61 4.25 -31.87
N GLN A 65 10.08 3.33 -32.71
CA GLN A 65 10.55 3.67 -34.08
C GLN A 65 9.47 4.28 -34.95
N THR A 66 8.24 3.85 -34.71
CA THR A 66 7.08 4.22 -35.50
C THR A 66 6.41 5.50 -34.98
N LEU A 67 7.00 6.17 -34.00
CA LEU A 67 6.38 7.42 -33.52
C LEU A 67 6.93 8.53 -34.34
N ASP A 68 6.17 9.62 -34.46
CA ASP A 68 6.67 10.84 -35.13
C ASP A 68 8.11 11.23 -34.67
N HIS A 69 8.98 11.56 -35.60
CA HIS A 69 10.36 11.99 -35.28
C HIS A 69 10.55 13.09 -34.21
N GLU A 70 9.84 14.19 -34.31
CA GLU A 70 9.94 15.23 -33.28
C GLU A 70 9.45 14.76 -31.90
N ASP A 71 8.30 14.09 -31.88
CA ASP A 71 7.80 13.49 -30.68
C ASP A 71 8.89 12.60 -29.99
N GLN A 72 9.73 11.94 -30.78
CA GLN A 72 10.76 11.06 -30.28
C GLN A 72 11.74 11.84 -29.39
N ILE A 73 12.27 12.93 -29.93
CA ILE A 73 13.13 13.86 -29.22
C ILE A 73 12.46 14.47 -27.97
N ALA A 74 11.20 14.81 -28.11
CA ALA A 74 10.47 15.40 -27.03
C ALA A 74 10.43 14.45 -25.85
N LEU A 75 10.31 13.15 -26.11
CA LEU A 75 10.25 12.16 -25.02
C LEU A 75 11.59 11.88 -24.42
N LEU A 76 12.61 11.90 -25.25
CA LEU A 76 14.00 11.72 -24.79
C LEU A 76 14.40 12.83 -23.84
N LYS A 77 14.28 14.07 -24.32
CA LYS A 77 14.50 15.26 -23.50
C LYS A 77 13.59 15.32 -22.31
N GLY A 78 12.32 15.11 -22.55
CA GLY A 78 11.34 15.21 -21.51
C GLY A 78 11.61 14.23 -20.42
N SER A 79 12.13 13.05 -20.74
CA SER A 79 12.34 12.02 -19.73
C SER A 79 13.74 11.95 -19.11
N ALA A 80 14.72 12.59 -19.73
CA ALA A 80 16.13 12.30 -19.38
C ALA A 80 16.37 12.39 -17.89
N VAL A 81 15.86 13.46 -17.25
CA VAL A 81 16.20 13.73 -15.83
C VAL A 81 15.63 12.60 -14.97
N GLU A 82 14.34 12.34 -15.08
CA GLU A 82 13.73 11.26 -14.27
C GLU A 82 14.40 9.90 -14.51
N ALA A 83 14.71 9.60 -15.78
CA ALA A 83 15.31 8.31 -16.15
C ALA A 83 16.70 8.17 -15.58
N MET A 84 17.46 9.26 -15.59
CA MET A 84 18.80 9.26 -15.04
C MET A 84 18.80 8.96 -13.56
N PHE A 85 17.96 9.67 -12.79
CA PHE A 85 17.82 9.42 -11.35
C PHE A 85 17.29 8.02 -11.00
N LEU A 86 16.46 7.48 -11.87
CA LEU A 86 16.00 6.11 -11.67
C LEU A 86 17.13 5.13 -11.95
N ARG A 87 17.85 5.27 -13.06
CA ARG A 87 19.04 4.41 -13.26
C ARG A 87 20.01 4.60 -12.10
N SER A 88 20.23 5.83 -11.70
CA SER A 88 21.15 6.19 -10.64
C SER A 88 20.79 5.50 -9.31
N ALA A 89 19.49 5.36 -9.06
CA ALA A 89 18.97 4.73 -7.85
C ALA A 89 19.15 3.23 -7.84
N GLU A 90 19.04 2.63 -9.00
CA GLU A 90 19.29 1.20 -9.20
C GLU A 90 20.76 0.90 -8.92
N ILE A 91 21.62 1.63 -9.63
CA ILE A 91 23.07 1.44 -9.63
C ILE A 91 23.62 1.57 -8.22
N PHE A 92 23.26 2.66 -7.58
CA PHE A 92 23.60 2.88 -6.20
C PHE A 92 23.22 1.67 -5.37
N ASN A 93 21.96 1.27 -5.43
CA ASN A 93 21.49 0.10 -4.66
C ASN A 93 21.71 -1.15 -5.46
N PRO A 97 27.69 -2.68 -7.92
CA PRO A 97 28.79 -2.14 -7.11
C PRO A 97 28.73 -2.51 -5.62
N SER A 98 29.87 -2.90 -5.06
CA SER A 98 30.04 -3.06 -3.60
C SER A 98 30.43 -1.64 -3.12
N GLY A 99 30.82 -1.44 -1.85
CA GLY A 99 31.22 -0.08 -1.38
C GLY A 99 32.65 0.46 -1.48
N HIS A 100 33.04 1.40 -2.37
CA HIS A 100 32.56 1.66 -3.79
C HIS A 100 31.28 2.47 -4.12
N SER A 101 30.31 2.48 -3.21
CA SER A 101 29.03 3.12 -3.31
C SER A 101 29.23 4.27 -2.33
N ASP A 102 29.77 3.93 -1.16
CA ASP A 102 30.30 4.89 -0.20
C ASP A 102 31.20 5.87 -0.92
N LEU A 103 32.22 5.36 -1.62
CA LEU A 103 33.14 6.29 -2.25
C LEU A 103 32.42 7.19 -3.28
N LEU A 104 31.53 6.59 -4.06
CA LEU A 104 30.67 7.34 -4.96
C LEU A 104 29.83 8.39 -4.22
N GLU A 105 29.22 8.02 -3.11
CA GLU A 105 28.38 8.93 -2.33
C GLU A 105 29.14 10.15 -1.89
N GLU A 106 30.37 9.97 -1.42
CA GLU A 106 31.22 11.08 -1.00
C GLU A 106 31.68 11.96 -2.13
N ARG A 107 31.97 11.37 -3.29
CA ARG A 107 32.20 12.19 -4.50
C ARG A 107 31.00 13.07 -4.85
N ILE A 108 29.79 12.55 -4.65
CA ILE A 108 28.57 13.32 -4.93
C ILE A 108 28.42 14.47 -3.93
N ARG A 109 28.63 14.17 -2.65
CA ARG A 109 28.50 15.15 -1.55
C ARG A 109 29.54 16.29 -1.54
N ASN A 110 30.62 16.09 -2.32
CA ASN A 110 31.73 17.01 -2.47
C ASN A 110 31.99 17.36 -3.94
N SER A 111 30.96 17.76 -4.65
CA SER A 111 31.19 18.08 -6.08
C SER A 111 30.71 19.46 -6.44
N GLY A 112 30.54 20.32 -5.43
CA GLY A 112 30.01 21.67 -5.61
C GLY A 112 28.52 21.73 -5.76
N ILE A 113 27.79 20.95 -4.95
CA ILE A 113 26.34 20.97 -4.95
C ILE A 113 25.83 21.23 -3.54
N SER A 114 24.92 22.18 -3.42
CA SER A 114 24.34 22.49 -2.14
C SER A 114 23.53 21.27 -1.69
N ASP A 115 23.59 21.00 -0.40
CA ASP A 115 22.79 19.98 0.27
C ASP A 115 21.30 20.08 0.00
N GLU A 116 20.82 21.25 -0.40
CA GLU A 116 19.42 21.42 -0.78
C GLU A 116 19.03 20.42 -1.91
N TYR A 117 19.98 20.14 -2.82
CA TYR A 117 19.82 19.08 -3.87
C TYR A 117 20.40 17.69 -3.51
N ILE A 118 21.60 17.61 -2.90
CA ILE A 118 22.19 16.33 -2.41
C ILE A 118 21.24 15.53 -1.47
N THR A 119 20.72 16.21 -0.46
CA THR A 119 19.74 15.67 0.50
C THR A 119 18.61 14.83 -0.15
N PRO A 120 17.71 15.46 -0.93
CA PRO A 120 16.59 14.68 -1.49
C PRO A 120 17.02 13.58 -2.42
N MET A 121 18.15 13.74 -3.13
CA MET A 121 18.70 12.63 -3.94
C MET A 121 18.90 11.38 -3.12
N PHE A 122 19.58 11.51 -1.99
CA PHE A 122 19.85 10.33 -1.16
C PHE A 122 18.62 9.86 -0.44
N SER A 123 17.76 10.81 -0.13
CA SER A 123 16.52 10.49 0.49
C SER A 123 15.78 9.62 -0.51
N PHE A 124 15.61 10.14 -1.72
CA PHE A 124 14.95 9.41 -2.78
C PHE A 124 15.50 8.00 -3.01
N TYR A 125 16.81 7.83 -3.05
CA TYR A 125 17.39 6.46 -3.17
C TYR A 125 16.92 5.50 -2.11
N LYS A 126 16.89 5.98 -0.86
CA LYS A 126 16.33 5.21 0.24
C LYS A 126 14.87 4.82 0.01
N SER A 127 14.03 5.78 -0.39
CA SER A 127 12.64 5.46 -0.78
C SER A 127 12.56 4.32 -1.79
N ILE A 128 13.41 4.38 -2.81
CA ILE A 128 13.53 3.31 -3.80
C ILE A 128 13.99 2.00 -3.19
N GLY A 129 15.04 2.04 -2.38
CA GLY A 129 15.56 0.85 -1.68
C GLY A 129 14.55 0.11 -0.80
N GLU A 130 13.65 0.85 -0.16
CA GLU A 130 12.64 0.28 0.76
C GLU A 130 11.57 -0.63 0.08
N LEU A 131 11.56 -0.66 -1.25
CA LEU A 131 10.73 -1.58 -2.03
C LEU A 131 11.52 -2.72 -2.69
N LYS A 132 12.81 -2.81 -2.43
CA LYS A 132 13.71 -3.80 -3.06
C LYS A 132 13.42 -4.30 -4.47
N MET A 133 13.00 -3.39 -5.34
CA MET A 133 12.42 -3.73 -6.65
C MET A 133 13.27 -4.74 -7.42
N THR A 134 12.64 -5.50 -8.30
CA THR A 134 13.33 -6.45 -9.17
C THR A 134 13.94 -5.70 -10.32
N GLN A 135 14.89 -6.36 -11.00
CA GLN A 135 15.46 -5.94 -12.28
C GLN A 135 14.28 -5.60 -13.24
N GLU A 136 13.31 -6.48 -13.26
CA GLU A 136 12.14 -6.39 -14.14
C GLU A 136 11.34 -5.10 -13.89
N GLU A 137 11.17 -4.77 -12.62
CA GLU A 137 10.44 -3.61 -12.19
C GLU A 137 11.19 -2.32 -12.49
N TYR A 138 12.48 -2.28 -12.22
CA TYR A 138 13.31 -1.15 -12.67
C TYR A 138 13.19 -0.90 -14.18
N ALA A 139 13.09 -1.97 -14.96
CA ALA A 139 13.15 -1.81 -16.38
C ALA A 139 11.84 -1.29 -16.91
N LEU A 140 10.76 -1.83 -16.38
CA LEU A 140 9.43 -1.36 -16.77
C LEU A 140 9.12 0.07 -16.32
N LEU A 141 9.49 0.37 -15.09
CA LEU A 141 9.38 1.74 -14.57
C LEU A 141 10.09 2.70 -15.49
N THR A 142 11.30 2.34 -15.84
CA THR A 142 12.10 3.14 -16.76
C THR A 142 11.44 3.40 -18.12
N ALA A 143 10.86 2.36 -18.72
CA ALA A 143 10.19 2.51 -19.98
C ALA A 143 8.92 3.33 -19.81
N ILE A 144 8.25 3.18 -18.67
CA ILE A 144 7.01 3.91 -18.37
C ILE A 144 7.29 5.43 -18.30
N VAL A 145 8.39 5.78 -17.63
CA VAL A 145 8.88 7.17 -17.55
C VAL A 145 9.25 7.75 -18.93
N ILE A 146 9.99 6.98 -19.70
CA ILE A 146 10.39 7.44 -21.02
C ILE A 146 9.16 7.66 -21.91
N LEU A 147 8.25 6.72 -21.91
CA LEU A 147 7.07 6.78 -22.74
C LEU A 147 5.89 7.51 -22.09
N SER A 148 6.16 8.66 -21.49
CA SER A 148 5.14 9.37 -20.74
C SER A 148 4.45 10.30 -21.70
N PRO A 149 3.11 10.19 -21.85
CA PRO A 149 2.45 11.11 -22.78
C PRO A 149 2.22 12.57 -22.28
N ASP A 150 2.66 12.90 -21.07
CA ASP A 150 2.46 14.22 -20.45
C ASP A 150 3.54 15.26 -20.72
N ARG A 151 4.67 14.84 -21.31
CA ARG A 151 5.80 15.75 -21.56
C ARG A 151 5.41 16.87 -22.51
N GLN A 152 6.14 17.97 -22.41
CA GLN A 152 5.97 19.11 -23.24
C GLN A 152 6.28 18.75 -24.69
N TYR A 153 5.60 19.43 -25.61
CA TYR A 153 5.85 19.44 -27.04
C TYR A 153 5.40 18.25 -27.82
N ILE A 154 4.75 17.27 -27.20
CA ILE A 154 4.29 16.12 -27.94
C ILE A 154 3.04 16.46 -28.77
N LYS A 155 3.12 16.12 -30.05
CA LYS A 155 2.05 16.39 -31.02
C LYS A 155 0.95 15.33 -31.00
N ASP A 156 1.31 14.07 -30.75
CA ASP A 156 0.34 12.97 -30.70
C ASP A 156 0.46 12.13 -29.41
N ARG A 157 -0.32 12.52 -28.42
CA ARG A 157 -0.16 11.98 -27.09
C ARG A 157 -0.86 10.66 -27.03
N GLU A 158 -1.81 10.47 -27.92
CA GLU A 158 -2.55 9.24 -27.99
C GLU A 158 -1.60 8.10 -28.41
N ALA A 159 -0.84 8.31 -29.49
CA ALA A 159 0.22 7.35 -29.91
C ALA A 159 1.18 6.92 -28.78
N VAL A 160 1.63 7.86 -27.96
CA VAL A 160 2.50 7.53 -26.81
C VAL A 160 1.73 6.72 -25.76
N GLU A 161 0.47 7.09 -25.58
CA GLU A 161 -0.36 6.48 -24.56
C GLU A 161 -0.57 4.99 -24.83
N LYS A 162 -0.74 4.63 -26.12
CA LYS A 162 -0.88 3.25 -26.53
C LYS A 162 0.28 2.37 -26.12
N LEU A 163 1.50 2.93 -26.24
CA LEU A 163 2.76 2.24 -25.95
C LEU A 163 3.05 2.14 -24.50
N GLN A 164 2.59 3.12 -23.70
CA GLN A 164 2.79 3.07 -22.26
C GLN A 164 1.86 2.07 -21.56
N GLU A 165 0.60 2.01 -22.00
CA GLU A 165 -0.43 1.16 -21.32
C GLU A 165 0.01 -0.30 -21.16
N PRO A 166 0.35 -1.01 -22.25
CA PRO A 166 0.71 -2.44 -22.08
C PRO A 166 1.84 -2.68 -21.03
N LEU A 167 2.73 -1.70 -20.84
CA LEU A 167 3.82 -1.80 -19.86
C LEU A 167 3.33 -1.61 -18.45
N LEU A 168 2.36 -0.74 -18.29
CA LEU A 168 1.66 -0.64 -16.98
C LEU A 168 1.00 -1.99 -16.62
N ASP A 169 0.29 -2.58 -17.57
CA ASP A 169 -0.45 -3.85 -17.36
C ASP A 169 0.46 -4.95 -16.88
N VAL A 170 1.55 -5.13 -17.63
CA VAL A 170 2.62 -6.05 -17.24
C VAL A 170 3.17 -5.76 -15.86
N LEU A 171 3.46 -4.49 -15.60
CA LEU A 171 4.03 -4.13 -14.33
C LEU A 171 3.06 -4.43 -13.18
N GLN A 172 1.83 -4.02 -13.37
CA GLN A 172 0.75 -4.24 -12.40
C GLN A 172 0.57 -5.72 -12.06
N LYS A 173 0.70 -6.58 -13.08
CA LYS A 173 0.70 -8.04 -12.87
C LYS A 173 1.91 -8.57 -12.10
N LEU A 174 3.09 -8.07 -12.41
CA LEU A 174 4.27 -8.56 -11.71
C LEU A 174 4.17 -8.24 -10.22
N CYS A 175 3.91 -6.99 -9.89
CA CYS A 175 3.51 -6.58 -8.52
C CYS A 175 2.53 -7.55 -7.78
N LYS A 176 1.45 -7.95 -8.45
CA LYS A 176 0.52 -8.97 -7.90
C LYS A 176 1.15 -10.35 -7.68
N ILE A 177 2.13 -10.71 -8.51
CA ILE A 177 2.78 -12.03 -8.43
C ILE A 177 3.91 -12.06 -7.40
N HIS A 178 4.75 -11.03 -7.38
CA HIS A 178 5.92 -11.00 -6.49
C HIS A 178 5.68 -10.18 -5.22
N GLN A 179 4.45 -9.71 -5.03
CA GLN A 179 4.04 -9.00 -3.83
C GLN A 179 2.54 -9.16 -3.53
N PRO A 180 1.98 -10.39 -3.63
CA PRO A 180 0.53 -10.54 -3.36
C PRO A 180 0.19 -10.17 -1.91
N GLU A 181 1.09 -10.47 -0.97
CA GLU A 181 1.02 -10.06 0.46
C GLU A 181 0.76 -8.57 0.68
N ASN A 182 1.32 -7.70 -0.18
CA ASN A 182 0.84 -6.32 -0.30
C ASN A 182 0.19 -5.98 -1.64
N PRO A 183 -1.14 -5.94 -1.67
CA PRO A 183 -1.81 -5.65 -2.93
C PRO A 183 -1.66 -4.20 -3.40
N GLN A 184 -1.10 -3.32 -2.56
CA GLN A 184 -0.87 -1.92 -2.95
C GLN A 184 0.52 -1.62 -3.53
N HIS A 185 1.31 -2.67 -3.75
CA HIS A 185 2.64 -2.50 -4.29
C HIS A 185 2.71 -1.65 -5.56
N PHE A 186 1.80 -1.91 -6.49
CA PHE A 186 1.75 -1.16 -7.72
C PHE A 186 1.56 0.30 -7.40
N ALA A 187 0.57 0.59 -6.58
CA ALA A 187 0.32 1.96 -6.22
C ALA A 187 1.52 2.60 -5.54
N CYS A 188 2.21 1.85 -4.69
CA CYS A 188 3.46 2.35 -4.09
C CYS A 188 4.53 2.70 -5.16
N LEU A 189 4.65 1.87 -6.20
CA LEU A 189 5.55 2.19 -7.31
C LEU A 189 5.16 3.43 -8.08
N LEU A 190 3.89 3.54 -8.44
CA LEU A 190 3.46 4.80 -9.05
C LEU A 190 3.74 5.97 -8.10
N GLY A 191 3.60 5.73 -6.79
CA GLY A 191 4.05 6.66 -5.77
C GLY A 191 5.47 7.19 -5.98
N ARG A 192 6.40 6.30 -6.32
CA ARG A 192 7.76 6.75 -6.46
C ARG A 192 7.97 7.54 -7.74
N LEU A 193 7.18 7.32 -8.78
CA LEU A 193 7.25 8.20 -9.92
C LEU A 193 6.85 9.62 -9.60
N THR A 194 5.92 9.80 -8.68
CA THR A 194 5.56 11.13 -8.20
C THR A 194 6.75 11.85 -7.57
N GLU A 195 7.41 11.17 -6.65
CA GLU A 195 8.62 11.70 -6.01
C GLU A 195 9.74 12.01 -7.06
N LEU A 196 9.85 11.17 -8.08
CA LEU A 196 10.85 11.26 -9.15
C LEU A 196 10.63 12.46 -10.04
N ARG A 197 9.39 12.83 -10.28
CA ARG A 197 9.07 14.06 -11.01
C ARG A 197 9.60 15.35 -10.39
N THR A 198 9.84 15.33 -9.08
CA THR A 198 10.22 16.57 -8.38
C THR A 198 11.60 16.97 -8.73
N PHE A 199 12.40 15.97 -9.13
CA PHE A 199 13.74 16.21 -9.57
C PHE A 199 13.81 16.98 -10.86
N ASN A 200 12.73 17.15 -11.58
CA ASN A 200 12.82 17.97 -12.77
C ASN A 200 13.20 19.37 -12.34
N HIS A 201 12.54 19.85 -11.28
CA HIS A 201 12.79 21.17 -10.73
C HIS A 201 14.17 21.22 -10.07
N HIS A 202 14.44 20.31 -9.13
CA HIS A 202 15.78 20.27 -8.53
C HIS A 202 16.90 20.37 -9.61
N HIS A 203 16.83 19.56 -10.66
CA HIS A 203 17.96 19.49 -11.58
C HIS A 203 18.12 20.80 -12.37
N ALA A 204 17.03 21.50 -12.65
CA ALA A 204 17.12 22.78 -13.33
C ALA A 204 17.88 23.74 -12.42
N GLU A 205 17.58 23.68 -11.13
CA GLU A 205 18.23 24.55 -10.15
C GLU A 205 19.70 24.29 -10.06
N MET A 206 20.06 23.02 -9.92
CA MET A 206 21.47 22.67 -9.74
C MET A 206 22.26 22.97 -11.00
N LEU A 207 21.62 22.85 -12.15
CA LEU A 207 22.25 23.25 -13.40
C LEU A 207 22.47 24.79 -13.48
N MET A 208 21.57 25.58 -12.90
CA MET A 208 21.83 26.98 -12.69
C MET A 208 23.15 27.21 -11.88
N SER A 209 23.20 26.69 -10.63
CA SER A 209 24.40 26.85 -9.75
C SER A 209 25.71 26.57 -10.44
N TRP A 210 25.74 25.41 -11.09
CA TRP A 210 26.89 24.94 -11.83
C TRP A 210 27.36 25.82 -12.99
N ARG A 211 26.43 26.45 -13.71
CA ARG A 211 26.80 27.33 -14.84
C ARG A 211 27.27 28.72 -14.42
N VAL A 212 26.93 29.13 -13.19
CA VAL A 212 27.50 30.37 -12.62
C VAL A 212 29.01 30.22 -12.39
N ASN A 213 29.36 29.10 -11.76
CA ASN A 213 30.77 28.64 -11.58
C ASN A 213 31.53 28.40 -12.92
N ASP A 214 30.76 28.39 -14.02
CA ASP A 214 31.24 28.20 -15.41
C ASP A 214 31.80 26.79 -15.71
N HIS A 215 31.08 25.78 -15.22
CA HIS A 215 31.44 24.41 -15.45
C HIS A 215 31.05 23.96 -16.87
N LYS A 216 31.93 23.15 -17.41
CA LYS A 216 31.91 22.64 -18.77
C LYS A 216 31.03 21.38 -18.78
N PHE A 217 30.17 21.31 -19.78
CA PHE A 217 29.41 20.11 -20.01
C PHE A 217 29.83 19.45 -21.32
N THR A 218 29.49 18.19 -21.47
CA THR A 218 29.66 17.54 -22.77
C THR A 218 28.57 17.96 -23.74
N PRO A 219 28.83 17.79 -25.04
CA PRO A 219 27.83 18.05 -26.08
C PRO A 219 26.52 17.30 -25.90
N LEU A 220 26.63 16.07 -25.47
CA LEU A 220 25.46 15.28 -25.25
C LEU A 220 24.59 15.82 -24.09
N LEU A 221 25.24 16.19 -22.99
CA LEU A 221 24.55 16.82 -21.88
C LEU A 221 23.95 18.18 -22.25
N CYS A 222 24.68 18.97 -23.04
CA CYS A 222 24.21 20.27 -23.47
C CYS A 222 22.99 20.12 -24.31
N GLU A 223 23.00 19.14 -25.21
CA GLU A 223 21.89 18.99 -26.10
C GLU A 223 20.66 18.39 -25.42
N ILE A 224 20.83 17.36 -24.62
CA ILE A 224 19.68 16.67 -24.00
C ILE A 224 18.97 17.58 -22.95
N TRP A 225 19.70 18.53 -22.41
CA TRP A 225 19.15 19.41 -21.38
C TRP A 225 18.94 20.85 -21.81
N ASP A 226 19.08 21.15 -23.10
CA ASP A 226 18.83 22.51 -23.62
C ASP A 226 19.70 23.57 -22.97
N VAL A 227 20.96 23.24 -22.70
CA VAL A 227 21.84 24.17 -21.99
C VAL A 227 22.28 25.31 -22.92
N LEU B 1 -11.65 -19.82 -7.11
CA LEU B 1 -10.64 -20.62 -6.32
C LEU B 1 -9.19 -20.17 -6.62
N THR B 2 -8.98 -18.92 -7.01
CA THR B 2 -7.70 -18.43 -7.56
C THR B 2 -6.48 -18.67 -6.61
N PRO B 3 -5.25 -18.78 -7.16
CA PRO B 3 -4.09 -18.86 -6.28
C PRO B 3 -3.81 -17.57 -5.54
N ASP B 4 -3.97 -16.44 -6.18
CA ASP B 4 -3.88 -15.14 -5.49
C ASP B 4 -4.95 -14.97 -4.38
N GLN B 5 -6.16 -15.47 -4.66
CA GLN B 5 -7.22 -15.57 -3.70
C GLN B 5 -6.99 -16.55 -2.57
N GLN B 6 -6.39 -17.69 -2.88
CA GLN B 6 -6.14 -18.73 -1.89
C GLN B 6 -5.08 -18.24 -0.88
N THR B 7 -4.06 -17.55 -1.41
CA THR B 7 -3.00 -16.90 -0.66
C THR B 7 -3.56 -15.73 0.22
N LEU B 8 -4.57 -15.04 -0.29
CA LEU B 8 -5.24 -13.98 0.45
C LEU B 8 -6.06 -14.55 1.61
N LEU B 9 -6.86 -15.55 1.32
CA LEU B 9 -7.58 -16.23 2.34
C LEU B 9 -6.70 -16.77 3.44
N HIS B 10 -5.51 -17.28 3.11
CA HIS B 10 -4.69 -17.93 4.14
C HIS B 10 -4.06 -16.90 5.03
N PHE B 11 -3.71 -15.80 4.42
CA PHE B 11 -3.14 -14.68 5.13
C PHE B 11 -4.17 -14.11 6.18
N ILE B 12 -5.45 -14.10 5.81
CA ILE B 12 -6.53 -13.59 6.67
C ILE B 12 -6.72 -14.60 7.80
N MET B 13 -6.78 -15.88 7.46
CA MET B 13 -6.99 -16.97 8.43
C MET B 13 -5.86 -17.11 9.44
N ASP B 14 -4.65 -16.90 9.03
CA ASP B 14 -3.55 -16.85 9.97
C ASP B 14 -3.73 -15.78 11.05
N SER B 15 -4.17 -14.61 10.63
CA SER B 15 -4.41 -13.51 11.55
C SER B 15 -5.65 -13.75 12.42
N TYR B 16 -6.67 -14.31 11.82
CA TYR B 16 -7.94 -14.42 12.50
C TYR B 16 -7.89 -15.42 13.64
N ASN B 17 -7.21 -16.55 13.42
CA ASN B 17 -7.21 -17.61 14.44
C ASN B 17 -6.26 -17.35 15.58
N LYS B 18 -5.32 -16.43 15.46
CA LYS B 18 -4.50 -16.03 16.60
C LYS B 18 -5.35 -15.41 17.72
N GLN B 19 -6.53 -14.92 17.36
CA GLN B 19 -7.43 -14.21 18.27
C GLN B 19 -8.26 -15.19 19.09
N ARG B 20 -8.15 -15.11 20.42
CA ARG B 20 -8.98 -15.90 21.37
C ARG B 20 -9.61 -15.04 22.52
N MET B 21 -10.73 -15.49 23.08
CA MET B 21 -11.38 -14.94 24.33
C MET B 21 -10.75 -15.55 25.60
N PRO B 22 -10.00 -14.75 26.42
CA PRO B 22 -9.21 -15.42 27.48
C PRO B 22 -10.05 -16.24 28.50
N GLN B 23 -9.45 -17.30 29.05
CA GLN B 23 -10.11 -18.17 30.02
C GLN B 23 -10.57 -17.43 31.29
N GLU B 24 -9.81 -16.43 31.70
CA GLU B 24 -10.15 -15.65 32.91
C GLU B 24 -11.53 -15.03 32.82
N ILE B 25 -11.90 -14.62 31.63
CA ILE B 25 -13.19 -14.00 31.41
C ILE B 25 -14.24 -15.06 31.34
N THR B 26 -14.02 -16.06 30.54
CA THR B 26 -14.95 -17.18 30.53
C THR B 26 -15.27 -17.69 31.93
N ASN B 27 -14.24 -17.91 32.73
CA ASN B 27 -14.43 -18.33 34.11
C ASN B 27 -15.29 -17.34 34.90
N LYS B 28 -15.09 -16.04 34.72
CA LYS B 28 -15.84 -15.06 35.52
C LYS B 28 -17.34 -15.18 35.18
N ILE B 29 -17.62 -15.41 33.89
CA ILE B 29 -18.99 -15.55 33.42
C ILE B 29 -19.75 -16.57 34.23
N LEU B 30 -19.09 -17.67 34.55
CA LEU B 30 -19.67 -18.74 35.36
C LEU B 30 -19.56 -18.49 36.89
N LYS B 31 -18.43 -17.99 37.34
CA LYS B 31 -18.05 -17.99 38.78
C LYS B 31 -18.27 -16.72 39.61
N GLU B 32 -18.68 -15.61 39.01
CA GLU B 32 -18.84 -14.39 39.81
C GLU B 32 -20.28 -14.23 40.26
N GLU B 33 -20.47 -13.46 41.34
CA GLU B 33 -21.79 -13.00 41.77
C GLU B 33 -22.61 -12.45 40.59
N PHE B 34 -23.92 -12.64 40.65
CA PHE B 34 -24.82 -12.23 39.57
C PHE B 34 -25.54 -10.89 39.76
N SER B 35 -24.90 -9.98 40.47
CA SER B 35 -25.46 -8.64 40.60
C SER B 35 -25.24 -7.84 39.32
N ALA B 36 -26.08 -6.84 39.12
CA ALA B 36 -25.94 -5.90 38.01
C ALA B 36 -24.54 -5.30 37.87
N GLU B 37 -23.88 -5.00 38.97
CA GLU B 37 -22.54 -4.35 38.90
C GLU B 37 -21.45 -5.34 38.41
N GLU B 38 -21.53 -6.58 38.84
CA GLU B 38 -20.52 -7.55 38.47
C GLU B 38 -20.73 -7.90 36.98
N ASN B 39 -21.99 -8.00 36.59
CA ASN B 39 -22.32 -8.24 35.22
C ASN B 39 -21.75 -7.15 34.29
N PHE B 40 -21.85 -5.89 34.71
CA PHE B 40 -21.38 -4.81 33.91
C PHE B 40 -19.85 -4.77 33.90
N LEU B 41 -19.23 -5.07 35.03
CA LEU B 41 -17.80 -5.26 35.07
C LEU B 41 -17.37 -6.37 34.06
N ILE B 42 -18.07 -7.50 33.99
CA ILE B 42 -17.73 -8.58 33.05
C ILE B 42 -17.85 -8.19 31.58
N LEU B 43 -18.95 -7.57 31.24
CA LEU B 43 -19.16 -7.04 29.92
C LEU B 43 -18.15 -6.02 29.51
N THR B 44 -17.69 -5.24 30.45
CA THR B 44 -16.61 -4.30 30.22
C THR B 44 -15.28 -4.97 29.88
N GLU B 45 -14.93 -6.02 30.63
CA GLU B 45 -13.69 -6.74 30.34
C GLU B 45 -13.83 -7.49 29.03
N MET B 46 -14.99 -8.00 28.73
CA MET B 46 -15.24 -8.65 27.45
C MET B 46 -15.14 -7.64 26.28
N ALA B 47 -15.79 -6.49 26.40
CA ALA B 47 -15.77 -5.53 25.30
C ALA B 47 -14.36 -4.99 25.09
N THR B 48 -13.60 -4.87 26.17
CA THR B 48 -12.24 -4.40 26.08
C THR B 48 -11.38 -5.43 25.37
N ASN B 49 -11.57 -6.70 25.69
CA ASN B 49 -10.87 -7.76 24.98
C ASN B 49 -11.26 -7.85 23.47
N HIS B 50 -12.53 -7.61 23.15
CA HIS B 50 -12.96 -7.59 21.73
C HIS B 50 -12.17 -6.51 20.96
N VAL B 51 -12.04 -5.36 21.57
CA VAL B 51 -11.29 -4.27 20.98
C VAL B 51 -9.75 -4.56 20.85
N GLN B 52 -9.15 -5.24 21.80
CA GLN B 52 -7.73 -5.59 21.68
C GLN B 52 -7.50 -6.56 20.53
N VAL B 53 -8.39 -7.51 20.46
CA VAL B 53 -8.26 -8.55 19.50
C VAL B 53 -8.49 -7.94 18.10
N LEU B 54 -9.51 -7.10 18.00
CA LEU B 54 -9.80 -6.36 16.79
C LEU B 54 -8.60 -5.53 16.27
N VAL B 55 -7.94 -4.78 17.15
CA VAL B 55 -6.73 -4.03 16.77
C VAL B 55 -5.64 -4.96 16.18
N GLU B 56 -5.41 -6.08 16.88
CA GLU B 56 -4.47 -7.12 16.51
C GLU B 56 -4.82 -7.75 15.18
N PHE B 57 -6.10 -7.94 14.88
CA PHE B 57 -6.52 -8.46 13.59
C PHE B 57 -6.39 -7.37 12.51
N THR B 58 -6.76 -6.17 12.84
CA THR B 58 -6.78 -5.12 11.86
C THR B 58 -5.41 -4.81 11.30
N LYS B 59 -4.47 -4.61 12.21
CA LYS B 59 -3.08 -4.25 11.82
C LYS B 59 -2.41 -5.29 10.90
N LYS B 60 -2.92 -6.52 10.81
CA LYS B 60 -2.40 -7.56 9.91
C LYS B 60 -3.17 -7.73 8.66
N LEU B 61 -4.16 -6.91 8.39
CA LEU B 61 -4.90 -7.06 7.16
C LEU B 61 -4.02 -6.68 6.00
N PRO B 62 -4.10 -7.45 4.89
CA PRO B 62 -3.25 -7.07 3.71
C PRO B 62 -3.53 -5.63 3.30
N GLY B 63 -2.51 -4.84 3.15
CA GLY B 63 -2.66 -3.45 2.74
C GLY B 63 -2.77 -2.46 3.85
N PHE B 64 -3.09 -2.91 5.05
CA PHE B 64 -3.48 -2.00 6.10
C PHE B 64 -2.34 -1.12 6.53
N GLN B 65 -1.16 -1.69 6.59
CA GLN B 65 0.03 -0.99 7.02
C GLN B 65 0.44 0.11 6.06
N THR B 66 0.04 -0.01 4.80
CA THR B 66 0.32 1.00 3.81
C THR B 66 -0.69 2.13 3.69
N LEU B 67 -1.77 2.09 4.44
CA LEU B 67 -2.69 3.22 4.43
C LEU B 67 -2.13 4.38 5.26
N ASP B 68 -2.56 5.57 4.89
CA ASP B 68 -2.32 6.74 5.67
C ASP B 68 -2.66 6.48 7.19
N HIS B 69 -1.76 6.93 8.06
CA HIS B 69 -1.83 6.82 9.51
C HIS B 69 -3.15 7.28 10.14
N GLU B 70 -3.77 8.32 9.58
CA GLU B 70 -5.02 8.83 10.09
C GLU B 70 -6.18 8.01 9.63
N ASP B 71 -6.14 7.58 8.40
CA ASP B 71 -7.14 6.70 7.85
C ASP B 71 -7.18 5.38 8.63
N GLN B 72 -6.02 4.89 9.08
CA GLN B 72 -5.98 3.70 9.87
C GLN B 72 -6.79 3.82 11.15
N ILE B 73 -6.65 4.96 11.82
CA ILE B 73 -7.28 5.24 13.06
C ILE B 73 -8.78 5.39 12.80
N ALA B 74 -9.11 6.16 11.79
CA ALA B 74 -10.50 6.36 11.36
C ALA B 74 -11.24 5.06 11.00
N LEU B 75 -10.54 4.14 10.34
CA LEU B 75 -11.12 2.82 10.10
C LEU B 75 -11.28 2.04 11.38
N LEU B 76 -10.30 2.10 12.29
CA LEU B 76 -10.49 1.40 13.59
C LEU B 76 -11.70 1.88 14.38
N LYS B 77 -11.75 3.19 14.54
CA LYS B 77 -12.80 3.86 15.30
C LYS B 77 -14.13 3.63 14.59
N GLY B 78 -14.12 3.75 13.27
CA GLY B 78 -15.31 3.55 12.48
C GLY B 78 -15.96 2.19 12.59
N SER B 79 -15.13 1.16 12.69
CA SER B 79 -15.55 -0.22 12.59
C SER B 79 -15.75 -0.92 13.90
N ALA B 80 -15.42 -0.25 15.00
CA ALA B 80 -15.30 -0.95 16.30
C ALA B 80 -16.59 -1.62 16.78
N VAL B 81 -17.66 -0.84 16.80
CA VAL B 81 -18.98 -1.34 17.23
C VAL B 81 -19.42 -2.50 16.35
N GLU B 82 -19.42 -2.30 15.04
CA GLU B 82 -19.86 -3.39 14.16
C GLU B 82 -18.95 -4.65 14.31
N ALA B 83 -17.63 -4.43 14.26
CA ALA B 83 -16.76 -5.63 14.43
C ALA B 83 -16.96 -6.33 15.78
N MET B 84 -17.13 -5.57 16.86
CA MET B 84 -17.39 -6.15 18.19
C MET B 84 -18.67 -7.00 18.23
N PHE B 85 -19.75 -6.47 17.63
CA PHE B 85 -21.04 -7.18 17.63
C PHE B 85 -20.98 -8.45 16.82
N LEU B 86 -20.19 -8.42 15.76
CA LEU B 86 -20.00 -9.62 14.97
C LEU B 86 -19.18 -10.67 15.69
N ARG B 87 -18.15 -10.24 16.42
CA ARG B 87 -17.33 -11.14 17.19
C ARG B 87 -18.13 -11.73 18.32
N SER B 88 -18.82 -10.86 19.06
CA SER B 88 -19.67 -11.30 20.19
C SER B 88 -20.62 -12.37 19.71
N ALA B 89 -21.12 -12.23 18.49
CA ALA B 89 -21.98 -13.24 17.87
C ALA B 89 -21.24 -14.49 17.48
N GLU B 90 -20.01 -14.39 16.97
CA GLU B 90 -19.25 -15.64 16.77
C GLU B 90 -19.05 -16.36 18.11
N ILE B 91 -18.82 -15.61 19.18
CA ILE B 91 -18.56 -16.19 20.48
C ILE B 91 -19.82 -16.85 20.98
N PHE B 92 -20.84 -16.01 21.13
CA PHE B 92 -22.12 -16.47 21.59
C PHE B 92 -22.63 -17.75 20.92
N ASN B 93 -22.39 -17.95 19.62
CA ASN B 93 -22.87 -19.15 18.90
C ASN B 93 -21.85 -20.26 18.62
N LYS B 94 -20.57 -20.01 18.89
CA LYS B 94 -19.51 -20.98 18.49
C LYS B 94 -18.32 -21.19 19.41
N LYS B 95 -17.98 -20.16 20.21
CA LYS B 95 -17.08 -20.31 21.36
C LYS B 95 -18.04 -20.71 22.47
N LEU B 96 -19.28 -21.13 22.06
CA LEU B 96 -20.47 -21.48 22.94
C LEU B 96 -20.54 -22.89 23.62
N PRO B 97 -20.15 -22.92 24.90
CA PRO B 97 -20.03 -24.16 25.65
C PRO B 97 -21.20 -24.73 26.44
N SER B 98 -22.42 -24.26 26.27
CA SER B 98 -23.53 -24.85 27.00
C SER B 98 -23.97 -23.74 27.97
N GLY B 99 -24.28 -24.12 29.20
CA GLY B 99 -25.01 -23.24 30.17
C GLY B 99 -24.24 -21.94 30.23
N HIS B 100 -23.17 -21.89 29.43
CA HIS B 100 -22.29 -20.75 29.27
C HIS B 100 -22.94 -19.57 28.55
N SER B 101 -23.44 -19.80 27.33
CA SER B 101 -24.21 -18.76 26.64
C SER B 101 -25.43 -18.30 27.41
N ASP B 102 -26.18 -19.22 27.99
CA ASP B 102 -27.37 -18.83 28.82
C ASP B 102 -26.97 -17.96 29.99
N LEU B 103 -25.91 -18.33 30.69
CA LEU B 103 -25.39 -17.47 31.77
C LEU B 103 -24.90 -16.13 31.24
N LEU B 104 -24.19 -16.16 30.12
CA LEU B 104 -23.76 -14.90 29.52
C LEU B 104 -24.96 -14.02 29.22
N GLU B 105 -25.97 -14.62 28.57
CA GLU B 105 -27.27 -13.96 28.25
C GLU B 105 -27.94 -13.35 29.44
N GLU B 106 -28.04 -14.12 30.50
CA GLU B 106 -28.58 -13.66 31.79
C GLU B 106 -27.78 -12.49 32.38
N ARG B 107 -26.45 -12.46 32.20
CA ARG B 107 -25.67 -11.26 32.63
C ARG B 107 -25.94 -10.03 31.75
N ILE B 108 -26.04 -10.27 30.46
CA ILE B 108 -26.41 -9.21 29.54
C ILE B 108 -27.80 -8.58 29.84
N ARG B 109 -28.80 -9.39 30.15
CA ARG B 109 -30.17 -8.88 30.49
C ARG B 109 -30.30 -8.18 31.81
N ASN B 110 -29.31 -8.34 32.68
CA ASN B 110 -29.24 -7.58 33.91
C ASN B 110 -27.91 -6.77 34.03
N SER B 111 -27.70 -5.79 33.15
CA SER B 111 -26.47 -4.95 33.24
C SER B 111 -26.65 -3.45 32.93
N GLY B 112 -27.88 -2.93 33.09
CA GLY B 112 -28.14 -1.49 32.85
C GLY B 112 -28.47 -1.20 31.38
N ILE B 113 -28.81 -2.24 30.65
CA ILE B 113 -29.12 -2.09 29.24
C ILE B 113 -30.63 -2.25 29.07
N SER B 114 -31.20 -1.30 28.34
CA SER B 114 -32.56 -1.33 27.99
C SER B 114 -32.84 -2.46 27.04
N ASP B 115 -33.99 -3.09 27.28
CA ASP B 115 -34.53 -4.12 26.42
C ASP B 115 -34.63 -3.62 25.00
N GLU B 116 -34.75 -2.31 24.80
CA GLU B 116 -34.78 -1.78 23.43
C GLU B 116 -33.50 -2.11 22.63
N TYR B 117 -32.36 -2.20 23.31
CA TYR B 117 -31.06 -2.55 22.66
C TYR B 117 -30.77 -4.05 22.73
N ILE B 118 -31.20 -4.70 23.82
CA ILE B 118 -31.01 -6.16 24.05
C ILE B 118 -31.68 -6.98 22.94
N THR B 119 -32.89 -6.57 22.59
CA THR B 119 -33.75 -7.34 21.71
C THR B 119 -33.15 -7.41 20.32
N PRO B 120 -32.73 -6.26 19.78
CA PRO B 120 -32.01 -6.30 18.48
C PRO B 120 -30.73 -7.17 18.55
N MET B 121 -29.95 -7.05 19.63
CA MET B 121 -28.77 -7.90 19.82
C MET B 121 -29.09 -9.36 19.66
N PHE B 122 -30.05 -9.87 20.45
CA PHE B 122 -30.39 -11.30 20.40
C PHE B 122 -31.02 -11.71 19.09
N SER B 123 -31.82 -10.80 18.55
CA SER B 123 -32.34 -11.05 17.20
C SER B 123 -31.13 -11.21 16.22
N PHE B 124 -30.20 -10.24 16.29
CA PHE B 124 -28.98 -10.35 15.49
C PHE B 124 -28.22 -11.63 15.74
N TYR B 125 -28.06 -12.01 17.00
CA TYR B 125 -27.36 -13.28 17.27
C TYR B 125 -28.08 -14.42 16.63
N LYS B 126 -29.40 -14.53 16.88
CA LYS B 126 -30.23 -15.57 16.23
C LYS B 126 -30.07 -15.59 14.70
N SER B 127 -30.23 -14.46 13.97
CA SER B 127 -30.01 -14.49 12.50
C SER B 127 -28.67 -15.06 12.06
N ILE B 128 -27.57 -14.55 12.63
CA ILE B 128 -26.22 -15.08 12.32
C ILE B 128 -26.15 -16.60 12.56
N GLY B 129 -26.71 -17.04 13.69
CA GLY B 129 -26.76 -18.46 14.01
C GLY B 129 -27.32 -19.34 12.90
N GLU B 130 -28.37 -18.88 12.21
CA GLU B 130 -29.01 -19.73 11.17
C GLU B 130 -28.19 -19.87 9.86
N LEU B 131 -27.15 -19.04 9.67
CA LEU B 131 -26.36 -19.09 8.45
C LEU B 131 -25.26 -20.07 8.54
N LYS B 132 -25.07 -20.62 9.76
CA LYS B 132 -24.07 -21.64 10.06
C LYS B 132 -22.79 -21.32 9.33
N MET B 133 -22.23 -20.18 9.68
CA MET B 133 -21.07 -19.67 9.00
C MET B 133 -19.85 -20.45 9.39
N THR B 134 -18.93 -20.64 8.44
CA THR B 134 -17.61 -21.17 8.73
C THR B 134 -16.72 -20.15 9.43
N GLN B 135 -15.57 -20.61 9.91
CA GLN B 135 -14.53 -19.75 10.43
C GLN B 135 -14.12 -18.70 9.37
N GLU B 136 -14.04 -19.13 8.12
CA GLU B 136 -13.66 -18.25 7.01
C GLU B 136 -14.65 -17.14 6.71
N GLU B 137 -15.93 -17.42 6.75
CA GLU B 137 -16.90 -16.38 6.46
C GLU B 137 -16.91 -15.32 7.59
N TYR B 138 -16.76 -15.75 8.85
CA TYR B 138 -16.62 -14.80 9.95
C TYR B 138 -15.41 -13.94 9.74
N ALA B 139 -14.34 -14.55 9.28
CA ALA B 139 -13.06 -13.85 9.17
C ALA B 139 -13.12 -12.80 8.08
N LEU B 140 -13.70 -13.20 6.95
CA LEU B 140 -13.80 -12.34 5.77
C LEU B 140 -14.80 -11.22 6.02
N LEU B 141 -15.96 -11.55 6.59
CA LEU B 141 -16.96 -10.48 6.94
C LEU B 141 -16.40 -9.47 7.90
N THR B 142 -15.58 -9.93 8.85
CA THR B 142 -14.90 -9.06 9.81
C THR B 142 -13.93 -8.17 9.12
N ALA B 143 -13.11 -8.76 8.26
CA ALA B 143 -12.20 -7.95 7.47
C ALA B 143 -12.94 -6.91 6.56
N ILE B 144 -14.02 -7.37 5.95
CA ILE B 144 -14.90 -6.51 5.13
C ILE B 144 -15.48 -5.31 5.90
N VAL B 145 -15.97 -5.60 7.08
CA VAL B 145 -16.45 -4.57 7.98
C VAL B 145 -15.35 -3.56 8.33
N ILE B 146 -14.16 -4.07 8.64
CA ILE B 146 -13.10 -3.22 9.06
C ILE B 146 -12.62 -2.31 7.92
N LEU B 147 -12.56 -2.86 6.71
CA LEU B 147 -12.05 -2.15 5.58
C LEU B 147 -13.17 -1.49 4.80
N SER B 148 -14.00 -0.76 5.51
CA SER B 148 -15.18 -0.22 4.90
C SER B 148 -14.86 1.19 4.44
N PRO B 149 -14.95 1.48 3.14
CA PRO B 149 -14.61 2.84 2.66
C PRO B 149 -15.59 3.98 2.99
N ASP B 150 -16.66 3.72 3.76
CA ASP B 150 -17.67 4.72 4.12
C ASP B 150 -17.56 5.36 5.48
N ARG B 151 -16.52 5.06 6.23
CA ARG B 151 -16.48 5.60 7.58
C ARG B 151 -16.22 7.12 7.55
N GLN B 152 -16.62 7.78 8.62
CA GLN B 152 -16.30 9.15 8.80
C GLN B 152 -14.79 9.35 8.73
N TYR B 153 -14.43 10.45 8.11
CA TYR B 153 -13.11 11.02 8.18
C TYR B 153 -12.06 10.33 7.37
N ILE B 154 -12.43 9.48 6.42
CA ILE B 154 -11.39 8.86 5.60
C ILE B 154 -10.99 9.79 4.43
N LYS B 155 -9.73 10.19 4.39
CA LYS B 155 -9.14 11.02 3.36
C LYS B 155 -9.04 10.33 2.00
N ASP B 156 -8.54 9.07 1.97
CA ASP B 156 -8.45 8.25 0.72
C ASP B 156 -9.33 6.97 0.64
N ARG B 157 -10.58 7.18 0.27
CA ARG B 157 -11.59 6.15 0.23
C ARG B 157 -11.33 5.16 -0.86
N GLU B 158 -10.63 5.58 -1.89
CA GLU B 158 -10.34 4.74 -3.02
C GLU B 158 -9.30 3.66 -2.62
N ALA B 159 -8.30 4.00 -1.84
CA ALA B 159 -7.35 3.01 -1.34
C ALA B 159 -8.04 1.93 -0.45
N VAL B 160 -8.98 2.38 0.39
CA VAL B 160 -9.69 1.45 1.25
C VAL B 160 -10.50 0.50 0.37
N GLU B 161 -11.16 1.07 -0.63
CA GLU B 161 -11.98 0.29 -1.55
C GLU B 161 -11.19 -0.82 -2.28
N LYS B 162 -9.99 -0.49 -2.72
CA LYS B 162 -9.11 -1.52 -3.31
C LYS B 162 -8.74 -2.63 -2.32
N LEU B 163 -8.65 -2.34 -1.03
CA LEU B 163 -8.46 -3.40 -0.05
C LEU B 163 -9.69 -4.20 0.22
N GLN B 164 -10.88 -3.61 0.11
CA GLN B 164 -12.10 -4.35 0.45
C GLN B 164 -12.62 -5.22 -0.65
N GLU B 165 -12.46 -4.82 -1.91
CA GLU B 165 -13.08 -5.59 -3.01
C GLU B 165 -12.60 -7.04 -3.10
N PRO B 166 -11.30 -7.25 -2.99
CA PRO B 166 -10.83 -8.63 -3.13
C PRO B 166 -11.38 -9.55 -2.08
N LEU B 167 -11.65 -9.04 -0.85
CA LEU B 167 -12.27 -9.84 0.20
C LEU B 167 -13.72 -10.25 -0.07
N LEU B 168 -14.48 -9.32 -0.61
CA LEU B 168 -15.80 -9.61 -1.14
C LEU B 168 -15.71 -10.61 -2.29
N ASP B 169 -14.73 -10.51 -3.19
CA ASP B 169 -14.59 -11.52 -4.29
C ASP B 169 -14.40 -12.91 -3.72
N VAL B 170 -13.45 -13.04 -2.77
CA VAL B 170 -13.17 -14.34 -2.09
C VAL B 170 -14.40 -14.86 -1.37
N LEU B 171 -15.03 -14.00 -0.59
CA LEU B 171 -16.23 -14.39 0.13
C LEU B 171 -17.32 -14.91 -0.79
N GLN B 172 -17.52 -14.21 -1.90
CA GLN B 172 -18.51 -14.63 -2.87
C GLN B 172 -18.21 -16.01 -3.44
N LYS B 173 -17.01 -16.24 -3.96
CA LYS B 173 -16.65 -17.57 -4.45
C LYS B 173 -16.72 -18.68 -3.41
N LEU B 174 -16.30 -18.40 -2.19
CA LEU B 174 -16.50 -19.38 -1.14
C LEU B 174 -17.93 -19.85 -1.03
N CYS B 175 -18.86 -18.90 -1.02
CA CYS B 175 -20.31 -19.18 -1.02
C CYS B 175 -20.75 -19.98 -2.28
N LYS B 176 -20.22 -19.64 -3.45
CA LYS B 176 -20.49 -20.42 -4.67
C LYS B 176 -19.94 -21.85 -4.57
N ILE B 177 -18.82 -22.02 -3.86
CA ILE B 177 -18.16 -23.33 -3.69
C ILE B 177 -18.88 -24.13 -2.63
N HIS B 178 -18.74 -23.76 -1.37
CA HIS B 178 -19.25 -24.58 -0.28
C HIS B 178 -20.75 -24.56 -0.19
N GLN B 179 -21.41 -23.72 -1.00
CA GLN B 179 -22.86 -23.64 -1.02
C GLN B 179 -23.52 -23.55 -2.44
N PRO B 180 -23.18 -24.44 -3.41
CA PRO B 180 -23.75 -24.29 -4.79
C PRO B 180 -25.30 -24.41 -4.85
N GLU B 181 -25.87 -24.96 -3.77
CA GLU B 181 -27.30 -25.13 -3.57
C GLU B 181 -28.06 -23.81 -3.50
N ASN B 182 -27.71 -22.94 -2.52
CA ASN B 182 -28.37 -21.61 -2.38
C ASN B 182 -27.45 -20.44 -2.58
N PRO B 183 -27.58 -19.78 -3.73
CA PRO B 183 -26.91 -18.49 -3.93
C PRO B 183 -27.50 -17.33 -3.14
N GLN B 184 -28.63 -17.57 -2.46
CA GLN B 184 -29.11 -16.69 -1.40
C GLN B 184 -28.20 -16.65 -0.14
N HIS B 185 -27.23 -17.56 0.00
CA HIS B 185 -26.32 -17.46 1.16
C HIS B 185 -25.50 -16.14 1.19
N PHE B 186 -24.77 -15.88 0.11
CA PHE B 186 -24.00 -14.67 -0.01
C PHE B 186 -24.88 -13.46 0.27
N ALA B 187 -26.02 -13.37 -0.44
CA ALA B 187 -26.88 -12.22 -0.30
C ALA B 187 -27.30 -12.04 1.14
N CYS B 188 -27.52 -13.14 1.86
CA CYS B 188 -27.88 -13.12 3.29
C CYS B 188 -26.69 -12.60 4.19
N LEU B 189 -25.46 -12.93 3.80
CA LEU B 189 -24.33 -12.40 4.51
C LEU B 189 -24.28 -10.89 4.41
N LEU B 190 -24.55 -10.36 3.22
CA LEU B 190 -24.63 -8.91 3.02
C LEU B 190 -25.79 -8.28 3.77
N GLY B 191 -26.92 -8.94 3.83
CA GLY B 191 -28.06 -8.45 4.63
C GLY B 191 -27.76 -8.40 6.13
N ARG B 192 -26.90 -9.31 6.58
CA ARG B 192 -26.35 -9.22 7.94
C ARG B 192 -25.48 -8.03 8.17
N LEU B 193 -24.65 -7.69 7.20
CA LEU B 193 -23.86 -6.47 7.35
C LEU B 193 -24.73 -5.25 7.47
N THR B 194 -25.77 -5.21 6.65
CA THR B 194 -26.73 -4.13 6.71
C THR B 194 -27.35 -4.07 8.10
N GLU B 195 -27.71 -5.21 8.67
CA GLU B 195 -28.27 -5.26 10.03
C GLU B 195 -27.28 -4.87 11.15
N LEU B 196 -25.99 -5.17 10.87
CA LEU B 196 -24.93 -4.88 11.75
C LEU B 196 -24.74 -3.37 11.89
N ARG B 197 -24.87 -2.65 10.78
CA ARG B 197 -24.84 -1.18 10.76
C ARG B 197 -25.79 -0.46 11.70
N THR B 198 -26.93 -1.11 12.04
CA THR B 198 -27.89 -0.46 12.96
C THR B 198 -27.38 -0.40 14.40
N PHE B 199 -26.44 -1.25 14.76
CA PHE B 199 -25.90 -1.19 16.11
C PHE B 199 -25.09 0.05 16.38
N ASN B 200 -24.64 0.78 15.34
CA ASN B 200 -23.92 2.00 15.59
C ASN B 200 -24.76 2.94 16.41
N HIS B 201 -26.02 3.09 16.03
CA HIS B 201 -26.95 4.00 16.70
C HIS B 201 -27.34 3.48 18.09
N HIS B 202 -27.60 2.18 18.19
CA HIS B 202 -27.96 1.51 19.45
C HIS B 202 -26.87 1.59 20.46
N HIS B 203 -25.63 1.31 20.03
CA HIS B 203 -24.46 1.43 20.91
C HIS B 203 -24.25 2.80 21.49
N ALA B 204 -24.39 3.79 20.65
CA ALA B 204 -24.22 5.17 21.12
C ALA B 204 -25.25 5.49 22.20
N GLU B 205 -26.49 5.07 21.98
CA GLU B 205 -27.53 5.23 23.01
C GLU B 205 -27.28 4.43 24.25
N MET B 206 -26.82 3.18 24.13
CA MET B 206 -26.53 2.42 25.35
C MET B 206 -25.39 3.06 26.09
N LEU B 207 -24.45 3.68 25.38
CA LEU B 207 -23.41 4.46 26.03
C LEU B 207 -23.91 5.73 26.73
N MET B 208 -24.81 6.44 26.09
CA MET B 208 -25.43 7.62 26.69
C MET B 208 -26.07 7.24 28.06
N SER B 209 -26.79 6.11 28.13
CA SER B 209 -27.46 5.71 29.39
C SER B 209 -26.54 5.35 30.54
N TRP B 210 -25.62 4.43 30.28
CA TRP B 210 -24.59 4.03 31.24
C TRP B 210 -23.81 5.16 31.90
N ARG B 211 -23.63 6.25 31.17
CA ARG B 211 -22.92 7.41 31.68
C ARG B 211 -23.75 8.42 32.45
N VAL B 212 -25.08 8.39 32.29
CA VAL B 212 -26.00 9.00 33.25
C VAL B 212 -25.66 8.54 34.65
N ASN B 213 -25.50 7.24 34.78
CA ASN B 213 -25.37 6.57 36.07
C ASN B 213 -23.91 6.49 36.50
N ASP B 214 -23.03 7.09 35.71
CA ASP B 214 -21.63 7.21 36.05
C ASP B 214 -20.89 5.85 36.08
N HIS B 215 -21.19 5.00 35.12
CA HIS B 215 -20.47 3.74 34.99
C HIS B 215 -19.07 3.99 34.39
N LYS B 216 -18.12 3.18 34.80
CA LYS B 216 -16.73 3.34 34.45
C LYS B 216 -16.29 2.42 33.33
N PHE B 217 -15.48 3.00 32.44
CA PHE B 217 -14.93 2.32 31.32
C PHE B 217 -13.42 2.42 31.33
N THR B 218 -12.82 1.50 30.60
CA THR B 218 -11.43 1.43 30.45
C THR B 218 -10.89 2.46 29.43
N PRO B 219 -9.58 2.78 29.52
CA PRO B 219 -8.90 3.70 28.62
C PRO B 219 -9.03 3.33 27.17
N LEU B 220 -8.94 2.05 26.85
CA LEU B 220 -9.13 1.60 25.48
C LEU B 220 -10.57 1.83 24.90
N LEU B 221 -11.58 1.52 25.72
CA LEU B 221 -12.95 1.80 25.34
C LEU B 221 -13.17 3.28 25.26
N CYS B 222 -12.70 4.03 26.24
CA CYS B 222 -12.83 5.49 26.18
C CYS B 222 -12.20 6.06 24.90
N GLU B 223 -11.04 5.55 24.49
CA GLU B 223 -10.42 6.08 23.31
C GLU B 223 -11.06 5.61 22.01
N ILE B 224 -11.47 4.34 21.91
CA ILE B 224 -12.03 3.82 20.66
C ILE B 224 -13.45 4.37 20.34
N TRP B 225 -14.21 4.73 21.37
CA TRP B 225 -15.59 5.27 21.19
C TRP B 225 -15.70 6.75 21.48
N ASP B 226 -14.58 7.45 21.67
CA ASP B 226 -14.57 8.90 21.91
C ASP B 226 -15.38 9.32 23.15
N VAL B 227 -15.30 8.54 24.23
CA VAL B 227 -16.03 8.84 25.46
C VAL B 227 -15.28 9.94 26.17
N GLU C 1 16.67 21.14 -35.61
CA GLU C 1 16.44 19.95 -34.75
C GLU C 1 17.48 19.92 -33.63
N ASN C 2 17.56 18.74 -33.01
CA ASN C 2 18.57 18.35 -32.06
C ASN C 2 19.29 17.20 -32.78
N LEU C 3 20.31 17.60 -33.44
CA LEU C 3 21.01 16.78 -34.42
C LEU C 3 21.93 15.68 -33.88
N LEU C 4 22.52 15.86 -32.71
CA LEU C 4 23.35 14.84 -32.09
C LEU C 4 22.42 13.74 -31.62
N LEU C 5 21.30 14.13 -31.01
CA LEU C 5 20.29 13.19 -30.56
C LEU C 5 19.64 12.41 -31.66
N ARG C 6 19.36 13.04 -32.81
CA ARG C 6 18.77 12.34 -33.99
C ARG C 6 19.80 11.32 -34.53
N TYR C 7 21.06 11.69 -34.45
CA TYR C 7 22.09 10.84 -34.97
C TYR C 7 22.12 9.60 -34.08
N LEU C 8 22.03 9.80 -32.76
CA LEU C 8 22.10 8.71 -31.85
C LEU C 8 20.88 7.83 -31.92
N LEU C 9 19.71 8.39 -32.18
CA LEU C 9 18.50 7.55 -32.40
C LEU C 9 18.46 6.72 -33.68
N ASP C 10 19.22 7.13 -34.69
CA ASP C 10 19.22 6.52 -36.02
C ASP C 10 20.32 5.48 -36.29
N LYS C 11 21.40 5.46 -35.51
CA LYS C 11 22.31 4.32 -35.49
C LYS C 11 21.61 2.96 -35.41
N GLU D 1 -4.59 12.23 18.86
CA GLU D 1 -3.84 11.45 17.83
C GLU D 1 -4.18 10.06 18.12
N ASN D 2 -4.96 9.92 19.18
CA ASN D 2 -5.22 8.73 19.83
C ASN D 2 -3.92 7.93 20.04
N LEU D 3 -3.07 8.48 20.90
CA LEU D 3 -1.84 7.82 21.30
C LEU D 3 -1.95 6.31 21.53
N LEU D 4 -2.96 5.87 22.26
CA LEU D 4 -3.03 4.47 22.70
C LEU D 4 -3.33 3.62 21.52
N LEU D 5 -4.25 4.08 20.67
CA LEU D 5 -4.57 3.30 19.50
C LEU D 5 -3.39 3.21 18.58
N ARG D 6 -2.71 4.33 18.41
CA ARG D 6 -1.51 4.40 17.60
C ARG D 6 -0.39 3.49 18.15
N TYR D 7 -0.24 3.47 19.44
CA TYR D 7 0.66 2.57 20.08
C TYR D 7 0.36 1.11 19.78
N LEU D 8 -0.94 0.75 19.83
CA LEU D 8 -1.35 -0.63 19.60
C LEU D 8 -1.27 -1.04 18.14
N LEU D 9 -1.58 -0.14 17.20
CA LEU D 9 -1.26 -0.40 15.78
C LEU D 9 0.26 -0.48 15.48
N ASP D 10 1.15 0.20 16.22
CA ASP D 10 2.60 0.14 15.83
C ASP D 10 3.57 -0.88 16.51
#